data_2HZP
#
_entry.id   2HZP
#
_cell.length_a   74.117
_cell.length_b   76.838
_cell.length_c   93.274
_cell.angle_alpha   90.00
_cell.angle_beta   108.70
_cell.angle_gamma   90.00
#
_symmetry.space_group_name_H-M   'C 1 2 1'
#
loop_
_entity.id
_entity.type
_entity.pdbx_description
1 polymer Kynureninase
2 non-polymer "PYRIDOXAL-5'-PHOSPHATE"
3 water water
#
_entity_poly.entity_id   1
_entity_poly.type   'polypeptide(L)'
_entity_poly.pdbx_seq_one_letter_code
;MRGSHHHHHHGMASMTGGQQMGRDLYDDDDKDHPFTMEPSSLELPADTVQRIAAELKCHPTDERVALHLDEEDKLRHFRE
(CSX)FYIPKIQDLPPVDLSLVNKDENAIYFLGNSLGLQPKMVKTYLEEELDKWAKIAAYGHEVGKRPWITGDESIVGLM
KDIVGANEKEIALMNALTVNLHLLMLSFFKPTPKRYKILLEAKAFPSDHYAIESQLQLHGLNIEESMRMIKPREGEETLR
IEDILEVIEKEGDSIAVILFSGVHFYTGQHFNIPAITKAGQAKGCYVGFDLAHAVGNVELYLHDWGVDFACWCSYKYLNA
GAGGIAGAFIHEKHAHTIKPALVGWFGHELSTRFKMDNKLQLIPGVCGFRISNPPILLVCSLHASLEIFKQATMKALRKK
SVLLTGYLEYLIKHNYGKDKAATKKPVVNIITPSHVEERGCQLTITFSVPNKDVFQELEKRGVVCDKRNPNGIRVAPVPL
YNSFHDVYKFTNLLTSILDSAETKN
;
_entity_poly.pdbx_strand_id   A
#
loop_
_chem_comp.id
_chem_comp.type
_chem_comp.name
_chem_comp.formula
PLP non-polymer PYRIDOXAL-5'-PHOSPHATE 'C8 H10 N O6 P'
#
# COMPACT_ATOMS: atom_id res chain seq x y z
N LEU A 42 -8.69 -19.62 -15.32
CA LEU A 42 -8.56 -18.32 -16.05
C LEU A 42 -7.18 -18.15 -16.70
N GLU A 43 -7.14 -17.39 -17.79
CA GLU A 43 -5.94 -17.20 -18.61
C GLU A 43 -4.85 -16.42 -17.86
N LEU A 44 -3.66 -16.99 -17.82
CA LEU A 44 -2.50 -16.35 -17.21
C LEU A 44 -2.00 -15.21 -18.10
N PRO A 45 -1.37 -14.17 -17.50
CA PRO A 45 -0.86 -13.03 -18.28
C PRO A 45 0.01 -13.44 -19.47
N ALA A 46 0.98 -14.32 -19.24
CA ALA A 46 1.88 -14.80 -20.30
C ALA A 46 1.09 -15.33 -21.50
N ASP A 47 0.02 -16.06 -21.22
CA ASP A 47 -0.80 -16.66 -22.25
C ASP A 47 -1.65 -15.63 -22.98
N THR A 48 -2.15 -14.63 -22.24
CA THR A 48 -2.88 -13.51 -22.85
C THR A 48 -1.97 -12.78 -23.84
N VAL A 49 -0.75 -12.47 -23.41
CA VAL A 49 0.24 -11.78 -24.23
C VAL A 49 0.53 -12.56 -25.52
N GLN A 50 0.73 -13.87 -25.40
CA GLN A 50 1.02 -14.71 -26.55
C GLN A 50 -0.17 -14.88 -27.51
N ARG A 51 -1.37 -15.02 -26.96
CA ARG A 51 -2.60 -15.07 -27.77
C ARG A 51 -2.87 -13.76 -28.53
N ILE A 52 -2.70 -12.63 -27.85
CA ILE A 52 -2.84 -11.31 -28.48
C ILE A 52 -1.86 -11.12 -29.63
N ALA A 53 -0.60 -11.47 -29.40
CA ALA A 53 0.42 -11.39 -30.45
C ALA A 53 0.03 -12.23 -31.67
N ALA A 54 -0.51 -13.42 -31.44
CA ALA A 54 -0.94 -14.32 -32.52
C ALA A 54 -2.02 -13.64 -33.37
N GLU A 55 -3.02 -13.09 -32.69
CA GLU A 55 -4.11 -12.34 -33.32
C GLU A 55 -3.58 -11.17 -34.15
N LEU A 56 -2.56 -10.49 -33.63
CA LEU A 56 -1.94 -9.33 -34.28
C LEU A 56 -0.93 -9.70 -35.36
N LYS A 57 -0.55 -10.98 -35.41
CA LYS A 57 0.46 -11.50 -36.33
C LYS A 57 1.84 -10.89 -36.08
N CYS A 58 2.23 -10.83 -34.81
CA CYS A 58 3.55 -10.35 -34.44
C CYS A 58 4.13 -11.22 -33.34
N HIS A 59 5.40 -11.01 -33.02
CA HIS A 59 6.04 -11.70 -31.91
C HIS A 59 5.53 -11.07 -30.59
N PRO A 60 5.34 -11.90 -29.54
CA PRO A 60 4.90 -11.38 -28.24
C PRO A 60 5.73 -10.22 -27.68
N THR A 61 6.98 -10.08 -28.14
CA THR A 61 7.86 -9.00 -27.68
C THR A 61 7.73 -7.72 -28.51
N ASP A 62 6.81 -7.71 -29.47
CA ASP A 62 6.66 -6.57 -30.38
C ASP A 62 5.96 -5.38 -29.68
N GLU A 63 6.37 -4.17 -30.03
CA GLU A 63 5.75 -2.96 -29.49
C GLU A 63 4.25 -2.94 -29.73
N ARG A 64 3.82 -3.51 -30.85
CA ARG A 64 2.40 -3.57 -31.21
C ARG A 64 1.51 -4.28 -30.18
N VAL A 65 2.07 -5.25 -29.44
CA VAL A 65 1.31 -5.93 -28.37
C VAL A 65 0.96 -4.95 -27.22
N ALA A 66 1.94 -4.16 -26.79
CA ALA A 66 1.72 -3.16 -25.73
C ALA A 66 0.72 -2.09 -26.17
N LEU A 67 0.86 -1.60 -27.42
CA LEU A 67 -0.07 -0.62 -27.95
C LEU A 67 -1.51 -1.14 -28.01
N HIS A 68 -1.66 -2.41 -28.39
CA HIS A 68 -2.96 -3.05 -28.44
C HIS A 68 -3.57 -3.20 -27.04
N LEU A 69 -2.78 -3.69 -26.09
CA LEU A 69 -3.25 -3.83 -24.72
C LEU A 69 -3.72 -2.49 -24.13
N ASP A 70 -3.02 -1.40 -24.46
CA ASP A 70 -3.42 -0.06 -24.06
C ASP A 70 -4.74 0.38 -24.71
N GLU A 71 -4.93 0.03 -25.97
CA GLU A 71 -6.17 0.29 -26.71
C GLU A 71 -7.35 -0.46 -26.09
N GLU A 72 -7.08 -1.66 -25.58
CA GLU A 72 -8.13 -2.50 -25.01
C GLU A 72 -8.35 -2.20 -23.52
N ASP A 73 -7.43 -1.46 -22.92
CA ASP A 73 -7.47 -1.14 -21.49
C ASP A 73 -8.68 -0.25 -21.17
N LYS A 74 -9.68 -0.79 -20.48
CA LYS A 74 -10.86 0.00 -20.14
C LYS A 74 -10.57 1.11 -19.12
N LEU A 75 -9.39 1.06 -18.51
CA LEU A 75 -8.97 2.06 -17.52
C LEU A 75 -8.01 3.09 -18.09
N ARG A 76 -7.80 3.05 -19.42
CA ARG A 76 -6.84 3.91 -20.10
C ARG A 76 -7.04 5.39 -19.80
N HIS A 77 -8.30 5.81 -19.69
CA HIS A 77 -8.63 7.23 -19.53
C HIS A 77 -8.22 7.81 -18.16
N PHE A 78 -8.01 6.95 -17.17
CA PHE A 78 -7.61 7.42 -15.84
C PHE A 78 -6.20 8.03 -15.80
N ARG A 79 -5.33 7.63 -16.72
CA ARG A 79 -4.00 8.21 -16.83
C ARG A 79 -4.07 9.75 -16.98
N GLU A 80 -5.14 10.23 -17.62
CA GLU A 80 -5.34 11.67 -17.82
C GLU A 80 -5.73 12.40 -16.54
N CSX A 81 -6.07 11.64 -15.50
CA CSX A 81 -6.48 12.20 -14.21
CB CSX A 81 -7.32 11.17 -13.45
SG CSX A 81 -8.87 10.79 -14.31
C CSX A 81 -5.33 12.58 -13.30
O CSX A 81 -5.56 13.09 -12.20
OD CSX A 81 -9.90 12.27 -14.24
N PHE A 82 -4.11 12.35 -13.77
CA PHE A 82 -2.90 12.51 -12.96
C PHE A 82 -1.86 13.40 -13.62
N TYR A 83 -1.07 14.11 -12.81
CA TYR A 83 0.08 14.84 -13.32
C TYR A 83 1.31 13.93 -13.42
N ILE A 84 1.67 13.59 -14.65
CA ILE A 84 2.82 12.74 -14.91
C ILE A 84 4.05 13.60 -15.24
N PRO A 85 5.14 13.43 -14.45
CA PRO A 85 6.37 14.18 -14.70
C PRO A 85 6.87 14.00 -16.14
N LYS A 86 7.51 15.05 -16.68
CA LYS A 86 8.20 14.99 -17.97
C LYS A 86 9.64 14.58 -17.71
N ILE A 87 10.22 13.78 -18.60
CA ILE A 87 11.59 13.27 -18.40
C ILE A 87 12.60 14.38 -18.12
N GLN A 88 12.49 15.49 -18.83
CA GLN A 88 13.51 16.55 -18.73
C GLN A 88 13.53 17.24 -17.37
N ASP A 89 12.46 17.08 -16.59
CA ASP A 89 12.33 17.76 -15.31
C ASP A 89 12.92 16.98 -14.14
N LEU A 90 13.20 15.69 -14.38
CA LEU A 90 13.68 14.82 -13.30
C LEU A 90 15.14 15.11 -12.99
N PRO A 91 15.45 15.42 -11.72
CA PRO A 91 16.82 15.79 -11.29
C PRO A 91 17.98 14.88 -11.77
N PRO A 92 17.87 13.54 -11.67
CA PRO A 92 19.02 12.72 -12.07
C PRO A 92 19.19 12.46 -13.59
N VAL A 93 18.24 12.93 -14.39
CA VAL A 93 18.23 12.64 -15.83
C VAL A 93 19.42 13.25 -16.59
N ASP A 94 19.99 12.47 -17.51
CA ASP A 94 20.99 12.95 -18.45
C ASP A 94 20.27 13.29 -19.76
N LEU A 95 20.21 14.59 -20.06
CA LEU A 95 19.38 15.11 -21.16
C LEU A 95 19.78 14.61 -22.55
N SER A 96 21.05 14.30 -22.71
CA SER A 96 21.64 13.71 -23.93
C SER A 96 21.12 12.32 -24.24
N LEU A 97 20.68 11.64 -23.20
CA LEU A 97 20.27 10.24 -23.30
C LEU A 97 18.77 10.06 -23.53
N VAL A 98 18.03 11.17 -23.46
CA VAL A 98 16.56 11.12 -23.52
C VAL A 98 15.96 12.04 -24.58
N ASN A 99 14.69 11.78 -24.89
CA ASN A 99 13.90 12.64 -25.75
C ASN A 99 13.10 13.62 -24.89
N LYS A 100 13.33 14.91 -25.11
CA LYS A 100 12.59 15.96 -24.38
C LYS A 100 11.09 15.91 -24.68
N ASP A 101 10.31 16.25 -23.66
CA ASP A 101 8.84 16.29 -23.75
C ASP A 101 8.16 14.93 -23.69
N GLU A 102 8.95 13.86 -23.61
CA GLU A 102 8.39 12.54 -23.30
C GLU A 102 8.07 12.49 -21.81
N ASN A 103 7.00 11.78 -21.46
CA ASN A 103 6.68 11.52 -20.05
C ASN A 103 7.74 10.62 -19.43
N ALA A 104 7.97 10.83 -18.13
CA ALA A 104 8.79 9.91 -17.35
C ALA A 104 8.15 8.52 -17.38
N ILE A 105 8.96 7.50 -17.14
CA ILE A 105 8.41 6.17 -16.86
C ILE A 105 8.43 6.09 -15.34
N TYR A 106 7.28 6.37 -14.73
CA TYR A 106 7.20 6.49 -13.28
C TYR A 106 6.72 5.19 -12.66
N PHE A 107 7.67 4.41 -12.13
CA PHE A 107 7.35 3.12 -11.54
C PHE A 107 7.58 3.16 -10.02
N LEU A 108 7.39 4.34 -9.43
CA LEU A 108 7.55 4.53 -7.98
C LEU A 108 6.22 4.89 -7.28
N GLY A 109 5.11 4.56 -7.96
CA GLY A 109 3.78 4.81 -7.41
C GLY A 109 3.42 3.99 -6.17
N ASN A 110 4.28 3.02 -5.83
CA ASN A 110 4.17 2.26 -4.60
C ASN A 110 4.82 2.97 -3.41
N SER A 111 5.44 4.11 -3.66
CA SER A 111 6.20 4.84 -2.63
C SER A 111 5.71 6.26 -2.47
N LEU A 112 5.58 6.96 -3.61
CA LEU A 112 4.96 8.27 -3.63
C LEU A 112 4.08 8.33 -4.87
N GLY A 113 2.78 8.17 -4.66
CA GLY A 113 1.83 8.14 -5.78
C GLY A 113 1.66 9.48 -6.46
N LEU A 114 1.50 9.44 -7.78
CA LEU A 114 1.29 10.65 -8.59
C LEU A 114 0.06 11.44 -8.18
N GLN A 115 0.06 12.74 -8.48
CA GLN A 115 -0.97 13.67 -8.02
C GLN A 115 -2.24 13.64 -8.86
N PRO A 116 -3.39 13.36 -8.23
CA PRO A 116 -4.65 13.57 -8.94
C PRO A 116 -4.78 15.05 -9.29
N LYS A 117 -5.08 15.35 -10.55
CA LYS A 117 -5.24 16.74 -10.99
C LYS A 117 -6.25 17.51 -10.14
N MET A 118 -7.24 16.82 -9.58
CA MET A 118 -8.28 17.46 -8.78
C MET A 118 -7.93 17.84 -7.35
N VAL A 119 -6.74 17.45 -6.89
CA VAL A 119 -6.31 17.83 -5.54
C VAL A 119 -6.41 19.34 -5.32
N LYS A 120 -5.88 20.12 -6.25
CA LYS A 120 -5.89 21.58 -6.12
C LYS A 120 -7.32 22.11 -5.99
N THR A 121 -8.20 21.61 -6.85
CA THR A 121 -9.60 22.00 -6.88
C THR A 121 -10.30 21.73 -5.54
N TYR A 122 -10.03 20.54 -4.97
CA TYR A 122 -10.60 20.16 -3.68
C TYR A 122 -10.06 21.02 -2.53
N LEU A 123 -8.75 21.26 -2.53
CA LEU A 123 -8.17 22.22 -1.59
C LEU A 123 -8.81 23.61 -1.71
N GLU A 124 -8.99 24.08 -2.94
CA GLU A 124 -9.56 25.39 -3.19
C GLU A 124 -10.98 25.54 -2.60
N GLU A 125 -11.77 24.47 -2.65
CA GLU A 125 -13.11 24.46 -2.04
C GLU A 125 -13.05 24.78 -0.54
N GLU A 126 -12.09 24.16 0.16
CA GLU A 126 -11.94 24.37 1.59
C GLU A 126 -11.26 25.69 1.94
N LEU A 127 -10.28 26.10 1.14
CA LEU A 127 -9.71 27.43 1.32
C LEU A 127 -10.75 28.52 1.06
N ASP A 128 -11.59 28.34 0.04
CA ASP A 128 -12.65 29.33 -0.23
C ASP A 128 -13.66 29.42 0.90
N LYS A 129 -14.04 28.27 1.47
CA LYS A 129 -14.96 28.26 2.62
C LYS A 129 -14.35 28.97 3.84
N TRP A 130 -13.09 28.65 4.14
CA TRP A 130 -12.34 29.26 5.23
C TRP A 130 -12.28 30.78 5.04
N ALA A 131 -12.02 31.22 3.80
CA ALA A 131 -11.99 32.64 3.47
C ALA A 131 -13.36 33.32 3.65
N LYS A 132 -14.42 32.61 3.25
CA LYS A 132 -15.75 33.20 3.15
C LYS A 132 -16.52 33.22 4.48
N ILE A 133 -16.42 32.13 5.25
CA ILE A 133 -17.22 31.97 6.47
C ILE A 133 -16.41 31.56 7.72
N ALA A 134 -15.10 31.36 7.53
CA ALA A 134 -14.17 30.96 8.60
C ALA A 134 -14.70 29.89 9.56
N ALA A 135 -14.82 30.23 10.86
CA ALA A 135 -15.28 29.27 11.89
C ALA A 135 -16.54 28.49 11.53
N TYR A 136 -17.45 29.12 10.82
CA TYR A 136 -18.70 28.45 10.42
C TYR A 136 -18.46 27.22 9.53
N GLY A 137 -17.27 27.14 8.95
CA GLY A 137 -16.88 25.98 8.14
C GLY A 137 -16.82 24.65 8.91
N HIS A 138 -16.69 24.72 10.23
CA HIS A 138 -16.70 23.50 11.06
C HIS A 138 -17.99 22.70 10.91
N GLU A 139 -19.09 23.40 10.65
CA GLU A 139 -20.43 22.83 10.69
C GLU A 139 -21.16 22.78 9.34
N VAL A 140 -20.69 23.52 8.34
CA VAL A 140 -21.38 23.54 7.05
C VAL A 140 -20.51 23.16 5.85
N GLY A 141 -21.16 22.80 4.75
CA GLY A 141 -20.46 22.55 3.49
C GLY A 141 -20.40 21.09 3.08
N LYS A 142 -19.72 20.85 1.96
CA LYS A 142 -19.47 19.50 1.46
C LYS A 142 -18.68 18.68 2.49
N ARG A 143 -17.72 19.32 3.13
CA ARG A 143 -16.88 18.68 4.15
C ARG A 143 -16.88 19.56 5.40
N PRO A 144 -17.93 19.44 6.24
CA PRO A 144 -17.90 20.20 7.49
C PRO A 144 -16.66 19.74 8.25
N TRP A 145 -15.81 20.69 8.68
CA TRP A 145 -14.52 20.31 9.23
C TRP A 145 -14.63 19.34 10.41
N ILE A 146 -15.61 19.54 11.28
CA ILE A 146 -15.77 18.62 12.41
C ILE A 146 -15.88 17.16 11.95
N THR A 147 -16.54 16.93 10.82
CA THR A 147 -16.72 15.58 10.29
C THR A 147 -16.02 15.38 8.94
N GLY A 148 -14.94 16.14 8.72
CA GLY A 148 -14.18 16.05 7.47
C GLY A 148 -13.81 14.62 7.11
N ASP A 149 -13.29 13.88 8.09
CA ASP A 149 -12.92 12.49 7.88
C ASP A 149 -14.11 11.58 7.56
N GLU A 150 -15.19 11.75 8.32
CA GLU A 150 -16.38 10.91 8.15
C GLU A 150 -17.08 11.19 6.82
N SER A 151 -16.87 12.39 6.29
CA SER A 151 -17.52 12.79 5.04
C SER A 151 -17.01 12.00 3.83
N ILE A 152 -15.81 11.41 3.95
CA ILE A 152 -15.21 10.69 2.83
C ILE A 152 -14.88 9.23 3.15
N VAL A 153 -15.08 8.82 4.39
CA VAL A 153 -14.72 7.47 4.82
C VAL A 153 -15.50 6.39 4.02
N GLY A 154 -16.69 6.73 3.56
CA GLY A 154 -17.51 5.82 2.74
C GLY A 154 -16.76 5.33 1.51
N LEU A 155 -15.90 6.21 0.96
CA LEU A 155 -15.11 5.90 -0.22
C LEU A 155 -14.01 4.87 0.03
N MET A 156 -13.76 4.56 1.30
CA MET A 156 -12.76 3.57 1.67
C MET A 156 -13.34 2.16 1.81
N LYS A 157 -14.67 2.06 1.90
CA LYS A 157 -15.34 0.79 2.20
C LYS A 157 -14.94 -0.34 1.26
N ASP A 158 -15.02 -0.07 -0.04
CA ASP A 158 -14.69 -1.06 -1.06
C ASP A 158 -13.19 -1.28 -1.20
N ILE A 159 -12.39 -0.30 -0.77
CA ILE A 159 -10.95 -0.41 -0.91
C ILE A 159 -10.36 -1.39 0.10
N VAL A 160 -10.85 -1.33 1.36
CA VAL A 160 -10.36 -2.24 2.39
C VAL A 160 -11.34 -3.37 2.74
N GLY A 161 -12.56 -3.31 2.21
CA GLY A 161 -13.57 -4.33 2.50
C GLY A 161 -14.05 -4.26 3.94
N ALA A 162 -14.45 -3.08 4.38
CA ALA A 162 -14.94 -2.90 5.75
C ALA A 162 -16.09 -1.91 5.78
N ASN A 163 -16.84 -1.90 6.87
CA ASN A 163 -17.96 -0.98 7.05
C ASN A 163 -17.50 0.40 7.54
N GLU A 164 -18.37 1.40 7.44
CA GLU A 164 -18.00 2.78 7.79
C GLU A 164 -17.58 2.94 9.24
N LYS A 165 -18.18 2.16 10.14
CA LYS A 165 -17.84 2.20 11.57
C LYS A 165 -16.58 1.41 11.92
N GLU A 166 -16.00 0.73 10.93
CA GLU A 166 -14.78 -0.06 11.13
C GLU A 166 -13.53 0.67 10.66
N ILE A 167 -13.72 1.81 10.00
CA ILE A 167 -12.64 2.56 9.39
C ILE A 167 -12.51 3.96 10.02
N ALA A 168 -11.28 4.35 10.35
CA ALA A 168 -10.99 5.72 10.76
C ALA A 168 -9.90 6.31 9.87
N LEU A 169 -10.08 7.56 9.48
CA LEU A 169 -9.07 8.28 8.72
C LEU A 169 -8.48 9.33 9.66
N MET A 170 -7.23 9.14 10.05
CA MET A 170 -6.62 9.94 11.11
C MET A 170 -5.11 9.79 11.16
N ASN A 171 -4.57 10.58 11.56
CA ASN A 171 -3.20 10.69 12.04
C ASN A 171 -2.18 10.37 10.95
N ALA A 172 -1.14 9.51 11.29
CA ALA A 172 -0.16 8.97 10.37
C ALA A 172 -0.05 7.45 10.63
N LEU A 173 0.49 6.72 9.65
CA LEU A 173 0.47 5.26 9.71
C LEU A 173 1.07 4.70 11.02
N THR A 174 2.32 5.03 11.31
CA THR A 174 3.00 4.42 12.47
C THR A 174 2.36 4.89 13.78
N VAL A 175 1.89 6.14 13.78
CA VAL A 175 1.12 6.67 14.90
C VAL A 175 -0.10 5.78 15.16
N ASN A 176 -0.88 5.51 14.11
CA ASN A 176 -2.05 4.61 14.25
C ASN A 176 -1.67 3.22 14.71
N LEU A 177 -0.58 2.68 14.17
CA LEU A 177 -0.08 1.38 14.62
C LEU A 177 0.08 1.36 16.14
N HIS A 178 0.73 2.40 16.69
CA HIS A 178 0.91 2.51 18.14
C HIS A 178 -0.43 2.61 18.89
N LEU A 179 -1.36 3.43 18.40
CA LEU A 179 -2.66 3.58 19.06
C LEU A 179 -3.39 2.24 19.18
N LEU A 180 -3.33 1.44 18.12
CA LEU A 180 -3.96 0.12 18.06
C LEU A 180 -3.26 -0.89 18.95
N MET A 181 -1.92 -0.93 18.88
CA MET A 181 -1.11 -1.85 19.70
C MET A 181 -1.25 -1.59 21.20
N LEU A 182 -1.48 -0.34 21.61
CA LEU A 182 -1.68 -0.01 23.02
C LEU A 182 -2.94 -0.66 23.60
N SER A 183 -3.91 -0.94 22.72
CA SER A 183 -5.14 -1.62 23.10
C SER A 183 -5.09 -3.12 22.82
N PHE A 184 -4.50 -3.51 21.70
CA PHE A 184 -4.45 -4.93 21.33
C PHE A 184 -3.31 -5.75 21.94
N PHE A 185 -2.19 -5.10 22.27
CA PHE A 185 -1.07 -5.82 22.89
C PHE A 185 -1.13 -5.70 24.41
N LYS A 186 -1.56 -6.78 25.05
CA LYS A 186 -1.73 -6.87 26.49
C LYS A 186 -1.02 -8.14 26.94
N PRO A 187 0.32 -8.09 27.07
CA PRO A 187 1.10 -9.29 27.34
C PRO A 187 0.88 -9.86 28.74
N THR A 188 0.97 -11.18 28.86
CA THR A 188 0.91 -11.87 30.15
C THR A 188 2.15 -12.75 30.25
N PRO A 189 2.46 -13.28 31.45
CA PRO A 189 3.56 -14.24 31.53
C PRO A 189 3.50 -15.40 30.52
N LYS A 190 2.31 -15.89 30.19
CA LYS A 190 2.16 -17.00 29.24
C LYS A 190 2.14 -16.57 27.78
N ARG A 191 1.60 -15.37 27.52
CA ARG A 191 1.35 -14.92 26.15
C ARG A 191 1.80 -13.47 26.01
N TYR A 192 2.99 -13.26 25.46
CA TYR A 192 3.67 -11.97 25.51
C TYR A 192 4.42 -11.61 24.22
N LYS A 193 4.53 -12.55 23.29
CA LYS A 193 5.29 -12.31 22.07
C LYS A 193 4.52 -11.51 21.00
N ILE A 194 5.28 -10.79 20.20
CA ILE A 194 4.75 -10.19 18.98
C ILE A 194 5.44 -10.90 17.81
N LEU A 195 4.64 -11.39 16.86
CA LEU A 195 5.16 -12.08 15.69
C LEU A 195 5.11 -11.20 14.45
N LEU A 196 6.25 -11.12 13.75
CA LEU A 196 6.36 -10.33 12.52
C LEU A 196 7.36 -10.98 11.58
N GLU A 197 7.45 -10.46 10.37
CA GLU A 197 8.49 -10.92 9.45
C GLU A 197 9.83 -10.27 9.83
N ALA A 198 10.92 -11.00 9.59
CA ALA A 198 12.26 -10.41 9.67
C ALA A 198 12.40 -9.39 8.54
N LYS A 199 13.26 -8.40 8.75
CA LYS A 199 13.41 -7.31 7.79
C LYS A 199 12.06 -6.64 7.46
N ALA A 200 11.26 -6.43 8.49
CA ALA A 200 10.06 -5.60 8.39
C ALA A 200 10.50 -4.17 8.09
N PHE A 201 9.57 -3.36 7.58
CA PHE A 201 9.81 -1.94 7.40
C PHE A 201 10.29 -1.32 8.72
N PRO A 202 11.36 -0.50 8.67
CA PRO A 202 11.98 0.02 9.91
C PRO A 202 11.02 0.65 10.91
N SER A 203 10.02 1.39 10.42
CA SER A 203 9.11 2.08 11.32
C SER A 203 8.34 1.08 12.18
N ASP A 204 7.85 0.01 11.53
CA ASP A 204 7.11 -1.05 12.23
C ASP A 204 8.01 -1.79 13.20
N HIS A 205 9.25 -2.04 12.76
CA HIS A 205 10.26 -2.67 13.62
C HIS A 205 10.44 -1.85 14.90
N TYR A 206 10.68 -0.54 14.74
CA TYR A 206 10.89 0.37 15.88
C TYR A 206 9.67 0.47 16.78
N ALA A 207 8.48 0.48 16.16
CA ALA A 207 7.21 0.54 16.87
C ALA A 207 7.00 -0.69 17.74
N ILE A 208 7.22 -1.86 17.15
CA ILE A 208 7.10 -3.12 17.86
C ILE A 208 8.10 -3.20 19.01
N GLU A 209 9.35 -2.82 18.76
CA GLU A 209 10.39 -2.78 19.80
C GLU A 209 9.99 -1.87 20.97
N SER A 210 9.53 -0.67 20.66
CA SER A 210 9.13 0.27 21.73
C SER A 210 7.88 -0.19 22.50
N GLN A 211 6.96 -0.88 21.82
CA GLN A 211 5.79 -1.50 22.45
C GLN A 211 6.22 -2.55 23.48
N LEU A 212 7.20 -3.37 23.10
CA LEU A 212 7.73 -4.40 23.99
C LEU A 212 8.46 -3.78 25.19
N GLN A 213 9.28 -2.76 24.93
CA GLN A 213 10.00 -2.05 25.97
C GLN A 213 9.06 -1.37 26.96
N LEU A 214 7.91 -0.92 26.45
CA LEU A 214 6.89 -0.29 27.27
C LEU A 214 6.42 -1.22 28.39
N HIS A 215 6.35 -2.52 28.09
CA HIS A 215 5.94 -3.53 29.06
C HIS A 215 7.14 -4.20 29.76
N GLY A 216 8.33 -3.63 29.57
CA GLY A 216 9.56 -4.16 30.17
C GLY A 216 9.92 -5.56 29.71
N LEU A 217 9.56 -5.90 28.48
CA LEU A 217 9.80 -7.24 27.94
C LEU A 217 11.14 -7.34 27.24
N ASN A 218 11.83 -8.46 27.44
CA ASN A 218 13.10 -8.75 26.76
C ASN A 218 12.87 -8.83 25.25
N ILE A 219 13.57 -7.99 24.50
CA ILE A 219 13.34 -7.88 23.05
C ILE A 219 13.67 -9.18 22.31
N GLU A 220 14.86 -9.71 22.58
CA GLU A 220 15.33 -10.90 21.90
C GLU A 220 14.40 -12.09 22.13
N GLU A 221 13.82 -12.18 23.32
CA GLU A 221 12.91 -13.27 23.66
C GLU A 221 11.47 -13.06 23.17
N SER A 222 11.05 -11.79 23.10
CA SER A 222 9.63 -11.45 22.86
C SER A 222 9.31 -10.99 21.43
N MET A 223 10.33 -10.60 20.68
CA MET A 223 10.13 -10.12 19.31
C MET A 223 10.49 -11.25 18.35
N ARG A 224 9.48 -12.01 17.93
CA ARG A 224 9.70 -13.20 17.11
C ARG A 224 9.62 -12.81 15.63
N MET A 225 10.74 -12.97 14.94
CA MET A 225 10.82 -12.53 13.56
C MET A 225 11.07 -13.72 12.63
N ILE A 226 10.16 -13.93 11.69
CA ILE A 226 10.27 -15.06 10.77
C ILE A 226 11.25 -14.75 9.64
N LYS A 227 12.32 -15.52 9.57
CA LYS A 227 13.33 -15.36 8.54
C LYS A 227 13.11 -16.37 7.42
N PRO A 228 13.51 -16.03 6.18
CA PRO A 228 13.44 -17.01 5.10
C PRO A 228 14.43 -18.17 5.28
N ARG A 229 14.17 -19.28 4.60
CA ARG A 229 15.14 -20.37 4.52
C ARG A 229 16.42 -19.88 3.84
N GLU A 230 17.53 -20.57 4.13
CA GLU A 230 18.83 -20.29 3.52
C GLU A 230 18.74 -20.31 2.00
N GLY A 231 19.27 -19.25 1.37
CA GLY A 231 19.26 -19.12 -0.09
C GLY A 231 17.96 -18.57 -0.66
N GLU A 232 17.03 -18.19 0.21
CA GLU A 232 15.74 -17.62 -0.20
C GLU A 232 15.55 -16.23 0.41
N GLU A 233 14.79 -15.39 -0.26
CA GLU A 233 14.52 -14.02 0.21
C GLU A 233 13.08 -13.88 0.72
N THR A 234 12.17 -14.64 0.13
CA THR A 234 10.75 -14.59 0.52
C THR A 234 10.43 -15.66 1.57
N LEU A 235 9.23 -15.57 2.16
CA LEU A 235 8.79 -16.57 3.13
C LEU A 235 7.80 -17.54 2.50
N ARG A 236 7.89 -18.81 2.89
CA ARG A 236 6.92 -19.82 2.46
C ARG A 236 5.76 -19.81 3.43
N ILE A 237 4.53 -19.85 2.91
CA ILE A 237 3.34 -19.81 3.76
C ILE A 237 3.29 -21.00 4.75
N GLU A 238 3.73 -22.17 4.31
CA GLU A 238 3.76 -23.35 5.17
C GLU A 238 4.70 -23.15 6.36
N ASP A 239 5.79 -22.40 6.15
CA ASP A 239 6.75 -22.06 7.21
C ASP A 239 6.20 -21.05 8.20
N ILE A 240 5.48 -20.05 7.70
CA ILE A 240 4.80 -19.09 8.56
C ILE A 240 3.79 -19.80 9.46
N LEU A 241 3.00 -20.69 8.86
CA LEU A 241 1.94 -21.41 9.57
C LEU A 241 2.49 -22.40 10.59
N GLU A 242 3.65 -22.98 10.29
CA GLU A 242 4.34 -23.88 11.22
C GLU A 242 4.77 -23.13 12.48
N VAL A 243 5.39 -21.97 12.30
CA VAL A 243 5.78 -21.09 13.42
C VAL A 243 4.55 -20.71 14.27
N ILE A 244 3.46 -20.34 13.61
CA ILE A 244 2.22 -20.01 14.32
C ILE A 244 1.67 -21.22 15.08
N GLU A 245 1.62 -22.38 14.43
CA GLU A 245 1.13 -23.60 15.08
C GLU A 245 1.98 -23.97 16.30
N LYS A 246 3.30 -23.91 16.15
CA LYS A 246 4.20 -24.31 17.23
C LYS A 246 4.29 -23.28 18.37
N GLU A 247 4.35 -22.00 18.02
CA GLU A 247 4.60 -20.94 19.00
C GLU A 247 3.38 -20.09 19.35
N GLY A 248 2.29 -20.30 18.62
CA GLY A 248 1.09 -19.48 18.75
C GLY A 248 0.56 -19.20 20.15
N ASP A 249 0.64 -20.20 21.04
CA ASP A 249 0.13 -20.04 22.41
C ASP A 249 0.85 -18.93 23.18
N SER A 250 2.11 -18.70 22.84
CA SER A 250 2.94 -17.71 23.54
C SER A 250 2.91 -16.34 22.86
N ILE A 251 2.17 -16.24 21.76
CA ILE A 251 2.13 -15.02 20.95
C ILE A 251 0.85 -14.25 21.23
N ALA A 252 1.01 -12.99 21.64
CA ALA A 252 -0.12 -12.12 21.93
C ALA A 252 -0.71 -11.52 20.65
N VAL A 253 0.17 -11.02 19.78
CA VAL A 253 -0.20 -10.34 18.57
C VAL A 253 0.70 -10.75 17.41
N ILE A 254 0.08 -11.07 16.27
CA ILE A 254 0.80 -11.18 15.00
C ILE A 254 0.60 -9.86 14.25
N LEU A 255 1.71 -9.20 13.92
CA LEU A 255 1.65 -7.97 13.15
C LEU A 255 2.52 -8.12 11.90
N PHE A 256 1.87 -8.42 10.77
CA PHE A 256 2.55 -8.65 9.49
C PHE A 256 2.25 -7.51 8.53
N SER A 257 3.13 -7.28 7.56
CA SER A 257 2.78 -6.44 6.44
C SER A 257 1.83 -7.23 5.52
N GLY A 258 0.99 -6.53 4.77
CA GLY A 258 0.14 -7.17 3.77
C GLY A 258 0.96 -7.53 2.54
N VAL A 259 1.80 -6.58 2.14
CA VAL A 259 2.78 -6.76 1.08
C VAL A 259 4.12 -6.32 1.65
N HIS A 260 5.12 -7.20 1.57
CA HIS A 260 6.44 -6.87 2.07
C HIS A 260 7.14 -5.88 1.14
N PHE A 261 7.58 -4.75 1.72
CA PHE A 261 8.09 -3.61 0.94
C PHE A 261 9.31 -3.97 0.09
N TYR A 262 10.11 -4.90 0.59
CA TYR A 262 11.42 -5.15 0.02
C TYR A 262 11.38 -6.27 -1.03
N THR A 263 10.64 -7.33 -0.75
CA THR A 263 10.52 -8.44 -1.70
C THR A 263 9.34 -8.30 -2.67
N GLY A 264 8.34 -7.51 -2.31
CA GLY A 264 7.11 -7.42 -3.09
C GLY A 264 6.15 -8.58 -2.84
N GLN A 265 6.45 -9.43 -1.84
CA GLN A 265 5.62 -10.59 -1.54
C GLN A 265 4.29 -10.16 -0.92
N HIS A 266 3.20 -10.62 -1.52
CA HIS A 266 1.88 -10.40 -0.94
C HIS A 266 1.51 -11.62 -0.11
N PHE A 267 1.48 -11.44 1.21
CA PHE A 267 1.18 -12.53 2.13
C PHE A 267 -0.30 -12.90 2.05
N ASN A 268 -0.62 -14.15 2.35
CA ASN A 268 -1.99 -14.62 2.39
C ASN A 268 -2.63 -14.17 3.70
N ILE A 269 -3.27 -13.01 3.64
CA ILE A 269 -3.86 -12.36 4.81
C ILE A 269 -4.90 -13.24 5.54
N PRO A 270 -5.93 -13.75 4.81
CA PRO A 270 -6.88 -14.62 5.52
C PRO A 270 -6.27 -15.88 6.13
N ALA A 271 -5.29 -16.49 5.46
CA ALA A 271 -4.64 -17.70 6.01
C ALA A 271 -3.91 -17.41 7.32
N ILE A 272 -3.14 -16.32 7.34
CA ILE A 272 -2.39 -15.91 8.53
C ILE A 272 -3.36 -15.53 9.67
N THR A 273 -4.42 -14.81 9.30
CA THR A 273 -5.48 -14.41 10.24
C THR A 273 -6.13 -15.63 10.91
N LYS A 274 -6.55 -16.61 10.11
CA LYS A 274 -7.18 -17.83 10.63
C LYS A 274 -6.22 -18.62 11.51
N ALA A 275 -4.98 -18.78 11.06
CA ALA A 275 -3.96 -19.56 11.78
C ALA A 275 -3.64 -18.94 13.14
N GLY A 276 -3.46 -17.63 13.16
CA GLY A 276 -3.18 -16.89 14.39
C GLY A 276 -4.33 -16.95 15.38
N GLN A 277 -5.54 -16.70 14.90
CA GLN A 277 -6.74 -16.77 15.74
C GLN A 277 -7.04 -18.20 16.24
N ALA A 278 -6.60 -19.19 15.48
CA ALA A 278 -6.69 -20.60 15.92
C ALA A 278 -5.92 -20.84 17.22
N LYS A 279 -4.85 -20.05 17.44
CA LYS A 279 -3.99 -20.20 18.62
C LYS A 279 -4.26 -19.14 19.70
N GLY A 280 -5.33 -18.36 19.50
CA GLY A 280 -5.73 -17.33 20.44
C GLY A 280 -4.98 -16.01 20.29
N CYS A 281 -4.26 -15.84 19.19
CA CYS A 281 -3.57 -14.59 18.89
C CYS A 281 -4.52 -13.57 18.25
N TYR A 282 -4.26 -12.28 18.51
CA TYR A 282 -4.80 -11.24 17.66
C TYR A 282 -3.92 -11.13 16.42
N VAL A 283 -4.52 -10.84 15.27
CA VAL A 283 -3.77 -10.70 14.02
C VAL A 283 -4.10 -9.37 13.36
N GLY A 284 -3.08 -8.54 13.20
CA GLY A 284 -3.24 -7.23 12.57
C GLY A 284 -2.24 -7.06 11.45
N PHE A 285 -2.50 -6.12 10.56
CA PHE A 285 -1.62 -5.92 9.39
C PHE A 285 -1.27 -4.47 9.17
N ASP A 286 -0.01 -4.22 8.81
CA ASP A 286 0.32 -2.94 8.22
C ASP A 286 0.10 -3.10 6.71
N LEU A 287 -0.89 -2.37 6.20
CA LEU A 287 -1.29 -2.53 4.81
C LEU A 287 -0.77 -1.41 3.92
N ALA A 288 0.34 -0.79 4.32
CA ALA A 288 0.91 0.34 3.57
C ALA A 288 1.09 0.05 2.08
N HIS A 289 1.58 -1.15 1.77
CA HIS A 289 1.83 -1.53 0.37
C HIS A 289 0.72 -2.41 -0.22
N ALA A 290 -0.34 -2.61 0.56
CA ALA A 290 -1.51 -3.40 0.12
C ALA A 290 -2.71 -2.56 -0.31
N VAL A 291 -3.06 -1.55 0.49
N VAL A 291 -3.03 -1.53 0.47
CA VAL A 291 -4.25 -0.72 0.21
CA VAL A 291 -4.22 -0.70 0.22
C VAL A 291 -4.07 0.01 -1.13
C VAL A 291 -4.08 0.05 -1.13
N GLY A 292 -5.10 -0.06 -1.98
CA GLY A 292 -5.07 0.55 -3.31
C GLY A 292 -4.23 -0.23 -4.31
N ASN A 293 -3.75 -1.40 -3.89
CA ASN A 293 -2.88 -2.27 -4.70
C ASN A 293 -3.53 -3.64 -4.91
N VAL A 294 -3.66 -4.41 -3.84
CA VAL A 294 -4.33 -5.71 -3.89
C VAL A 294 -5.75 -5.52 -3.36
N GLU A 295 -6.64 -6.47 -3.67
CA GLU A 295 -7.99 -6.42 -3.14
C GLU A 295 -7.99 -6.85 -1.68
N LEU A 296 -8.87 -6.23 -0.89
CA LEU A 296 -8.88 -6.47 0.56
C LEU A 296 -10.29 -6.68 1.06
N TYR A 297 -10.46 -7.66 1.94
CA TYR A 297 -11.74 -7.94 2.58
C TYR A 297 -11.51 -8.10 4.08
N LEU A 298 -11.09 -7.03 4.73
CA LEU A 298 -10.72 -7.08 6.15
C LEU A 298 -11.85 -7.59 7.05
N HIS A 299 -13.06 -7.10 6.81
CA HIS A 299 -14.19 -7.53 7.61
C HIS A 299 -14.54 -9.02 7.42
N ASP A 300 -14.76 -9.44 6.17
CA ASP A 300 -15.10 -10.83 5.88
C ASP A 300 -14.00 -11.83 6.26
N TRP A 301 -12.74 -11.42 6.15
CA TRP A 301 -11.59 -12.25 6.55
C TRP A 301 -11.44 -12.35 8.07
N GLY A 302 -12.12 -11.47 8.80
CA GLY A 302 -12.07 -11.45 10.27
C GLY A 302 -10.76 -10.93 10.85
N VAL A 303 -10.01 -10.16 10.05
CA VAL A 303 -8.79 -9.49 10.52
C VAL A 303 -9.14 -8.65 11.75
N ASP A 304 -8.30 -8.71 12.79
CA ASP A 304 -8.58 -7.99 14.04
C ASP A 304 -8.42 -6.48 13.92
N PHE A 305 -7.31 -6.05 13.34
CA PHE A 305 -7.04 -4.63 13.15
C PHE A 305 -6.04 -4.44 12.01
N ALA A 306 -5.95 -3.22 11.52
CA ALA A 306 -4.98 -2.90 10.46
C ALA A 306 -4.77 -1.40 10.40
N CYS A 307 -3.68 -1.00 9.74
CA CYS A 307 -3.39 0.41 9.55
C CYS A 307 -2.68 0.56 8.21
N TRP A 308 -2.74 1.76 7.64
CA TRP A 308 -2.15 2.04 6.33
C TRP A 308 -1.88 3.53 6.16
N CYS A 309 -1.07 3.85 5.15
CA CYS A 309 -0.80 5.22 4.80
C CYS A 309 -1.58 5.54 3.53
N SER A 310 -1.57 6.81 3.12
CA SER A 310 -2.39 7.23 1.98
C SER A 310 -1.60 7.83 0.83
N TYR A 311 -0.29 7.97 1.00
CA TYR A 311 0.55 8.66 0.02
C TYR A 311 1.27 7.71 -0.95
N LYS A 312 1.00 6.42 -0.83
CA LYS A 312 1.57 5.46 -1.75
C LYS A 312 0.62 5.19 -2.91
N TYR A 313 0.00 4.00 -2.93
CA TYR A 313 -0.94 3.66 -4.00
C TYR A 313 -2.20 4.54 -3.95
N LEU A 314 -2.53 5.08 -2.78
CA LEU A 314 -3.71 5.96 -2.64
C LEU A 314 -3.45 7.43 -3.04
N ASN A 315 -2.21 7.76 -3.40
CA ASN A 315 -1.94 9.01 -4.15
C ASN A 315 -2.33 10.32 -3.46
N ALA A 316 -2.33 10.34 -2.13
CA ALA A 316 -2.84 11.51 -1.39
C ALA A 316 -1.82 12.63 -1.11
N GLY A 317 -0.55 12.37 -1.38
CA GLY A 317 0.49 13.38 -1.13
C GLY A 317 1.27 13.10 0.15
N ALA A 318 2.57 13.40 0.11
CA ALA A 318 3.52 13.09 1.18
C ALA A 318 2.98 13.39 2.57
N GLY A 319 3.01 12.39 3.44
CA GLY A 319 2.58 12.55 4.84
C GLY A 319 1.08 12.71 5.01
N GLY A 320 0.33 12.31 3.99
CA GLY A 320 -1.13 12.41 4.00
C GLY A 320 -1.80 11.72 5.19
N ILE A 321 -3.09 11.98 5.35
CA ILE A 321 -3.83 11.44 6.48
C ILE A 321 -3.88 9.91 6.36
N ALA A 322 -3.59 9.22 7.45
CA ALA A 322 -3.49 7.76 7.40
C ALA A 322 -4.81 7.08 7.76
N GLY A 323 -4.78 5.76 7.84
CA GLY A 323 -5.99 4.98 8.09
C GLY A 323 -5.83 3.89 9.12
N ALA A 324 -6.96 3.51 9.72
CA ALA A 324 -6.99 2.42 10.70
C ALA A 324 -8.29 1.63 10.55
N PHE A 325 -8.19 0.32 10.74
CA PHE A 325 -9.32 -0.58 10.76
C PHE A 325 -9.34 -1.35 12.08
N ILE A 326 -10.53 -1.46 12.68
CA ILE A 326 -10.77 -2.46 13.73
C ILE A 326 -12.07 -3.17 13.39
N HIS A 327 -12.01 -4.50 13.35
CA HIS A 327 -13.21 -5.31 13.13
C HIS A 327 -14.28 -4.97 14.16
N GLU A 328 -15.52 -4.80 13.69
CA GLU A 328 -16.65 -4.47 14.56
C GLU A 328 -16.88 -5.45 15.72
N LYS A 329 -16.42 -6.70 15.57
CA LYS A 329 -16.52 -7.68 16.66
C LYS A 329 -15.84 -7.20 17.94
N HIS A 330 -14.90 -6.27 17.81
CA HIS A 330 -14.15 -5.74 18.96
C HIS A 330 -14.70 -4.43 19.52
N ALA A 331 -15.80 -3.93 18.94
CA ALA A 331 -16.27 -2.57 19.22
C ALA A 331 -16.54 -2.27 20.70
N HIS A 332 -17.04 -3.26 21.43
CA HIS A 332 -17.39 -3.05 22.84
C HIS A 332 -16.39 -3.65 23.83
N THR A 333 -15.35 -4.30 23.32
CA THR A 333 -14.42 -5.08 24.15
C THR A 333 -12.97 -4.60 24.06
N ILE A 334 -12.58 -4.05 22.90
CA ILE A 334 -11.26 -3.46 22.74
C ILE A 334 -11.43 -1.96 22.72
N LYS A 335 -11.03 -1.32 23.82
CA LYS A 335 -11.26 0.10 24.03
C LYS A 335 -9.97 0.90 23.81
N PRO A 336 -10.08 2.17 23.38
CA PRO A 336 -8.87 2.95 23.17
C PRO A 336 -8.06 3.10 24.46
N ALA A 337 -6.74 3.02 24.35
CA ALA A 337 -5.84 3.26 25.48
C ALA A 337 -5.69 4.76 25.72
N LEU A 338 -5.60 5.51 24.64
CA LEU A 338 -5.41 6.95 24.68
C LEU A 338 -6.64 7.65 24.09
N VAL A 339 -7.24 8.54 24.87
CA VAL A 339 -8.52 9.17 24.51
C VAL A 339 -8.35 10.69 24.33
N GLY A 340 -9.07 11.24 23.36
CA GLY A 340 -9.19 12.68 23.20
C GLY A 340 -10.64 13.01 22.92
N TRP A 341 -10.95 14.30 22.80
CA TRP A 341 -12.34 14.72 22.63
C TRP A 341 -13.00 14.21 21.35
N PHE A 342 -12.21 13.92 20.32
CA PHE A 342 -12.82 13.39 19.09
C PHE A 342 -13.19 11.91 19.10
N GLY A 343 -12.95 11.28 20.26
CA GLY A 343 -13.46 9.93 20.52
C GLY A 343 -14.81 9.96 21.21
N HIS A 344 -15.23 11.15 21.63
CA HIS A 344 -16.53 11.40 22.26
C HIS A 344 -17.58 11.57 21.16
N GLU A 345 -18.75 10.93 21.35
CA GLU A 345 -19.85 11.01 20.38
C GLU A 345 -20.15 12.45 19.94
N LEU A 346 -20.31 12.65 18.63
CA LEU A 346 -20.58 13.96 18.04
C LEU A 346 -21.73 14.74 18.69
N SER A 347 -22.82 14.05 19.02
CA SER A 347 -24.04 14.70 19.49
C SER A 347 -23.86 15.49 20.79
N THR A 348 -22.85 15.12 21.58
CA THR A 348 -22.63 15.77 22.88
C THR A 348 -21.20 16.27 23.07
N ARG A 349 -20.35 16.07 22.06
CA ARG A 349 -18.94 16.46 22.14
C ARG A 349 -18.77 17.93 22.54
N PHE A 350 -19.62 18.79 21.97
CA PHE A 350 -19.43 20.24 22.11
C PHE A 350 -20.21 20.84 23.29
N LYS A 351 -20.88 19.97 24.04
CA LYS A 351 -21.43 20.35 25.35
C LYS A 351 -20.29 20.73 26.29
N MET A 352 -19.13 20.10 26.07
CA MET A 352 -17.91 20.35 26.85
C MET A 352 -18.15 20.25 28.35
N ASP A 353 -18.79 19.15 28.76
CA ASP A 353 -19.13 18.91 30.16
C ASP A 353 -18.14 17.94 30.82
N ASN A 354 -17.15 17.49 30.04
CA ASN A 354 -16.10 16.56 30.50
C ASN A 354 -16.61 15.20 30.97
N LYS A 355 -17.78 14.81 30.46
CA LYS A 355 -18.37 13.48 30.72
C LYS A 355 -18.25 12.64 29.46
N LEU A 356 -17.19 11.85 29.37
CA LEU A 356 -16.90 11.04 28.19
C LEU A 356 -18.07 10.11 27.80
N GLN A 357 -18.39 10.11 26.51
CA GLN A 357 -19.34 9.16 25.92
C GLN A 357 -18.63 8.58 24.69
N LEU A 358 -17.86 7.52 24.93
CA LEU A 358 -16.95 6.98 23.94
C LEU A 358 -17.68 6.32 22.77
N ILE A 359 -17.25 6.65 21.56
CA ILE A 359 -17.77 5.99 20.34
C ILE A 359 -17.21 4.57 20.28
N PRO A 360 -18.10 3.56 20.13
CA PRO A 360 -17.63 2.17 20.00
C PRO A 360 -16.80 1.96 18.73
N GLY A 361 -15.84 1.04 18.80
CA GLY A 361 -15.00 0.73 17.65
C GLY A 361 -13.89 1.74 17.40
N VAL A 362 -13.36 1.71 16.18
CA VAL A 362 -12.16 2.46 15.82
C VAL A 362 -12.27 3.99 15.95
N CYS A 363 -13.47 4.55 15.79
CA CYS A 363 -13.60 6.00 15.95
C CYS A 363 -13.41 6.48 17.39
N GLY A 364 -13.54 5.57 18.37
CA GLY A 364 -13.19 5.88 19.76
C GLY A 364 -11.69 6.12 19.93
N PHE A 365 -10.91 5.62 18.97
CA PHE A 365 -9.45 5.77 18.92
C PHE A 365 -9.00 7.09 18.28
N ARG A 366 -9.93 7.79 17.64
CA ARG A 366 -9.65 9.12 17.08
C ARG A 366 -9.56 10.13 18.22
N ILE A 367 -8.42 10.80 18.31
CA ILE A 367 -8.10 11.64 19.45
C ILE A 367 -8.41 13.11 19.18
N SER A 368 -8.06 13.57 17.98
CA SER A 368 -8.07 15.00 17.67
C SER A 368 -8.97 15.34 16.48
N ASN A 369 -9.27 16.63 16.36
CA ASN A 369 -10.02 17.12 15.19
C ASN A 369 -9.21 16.87 13.89
N PRO A 370 -9.89 16.43 12.82
CA PRO A 370 -9.18 16.01 11.59
C PRO A 370 -8.70 17.17 10.71
N PRO A 371 -7.50 17.01 10.11
CA PRO A 371 -6.91 18.00 9.20
C PRO A 371 -7.65 18.08 7.85
N ILE A 372 -8.43 19.14 7.66
CA ILE A 372 -9.22 19.29 6.44
C ILE A 372 -8.39 19.26 5.14
N LEU A 373 -7.23 19.91 5.15
CA LEU A 373 -6.40 20.00 3.94
C LEU A 373 -5.92 18.63 3.47
N LEU A 374 -5.66 17.74 4.43
CA LEU A 374 -5.29 16.34 4.14
C LEU A 374 -6.50 15.52 3.69
N VAL A 375 -7.63 15.75 4.33
CA VAL A 375 -8.91 15.16 3.88
C VAL A 375 -9.13 15.51 2.39
N CYS A 376 -8.88 16.77 2.03
CA CYS A 376 -9.06 17.26 0.65
C CYS A 376 -8.31 16.46 -0.40
N SER A 377 -7.00 16.27 -0.19
CA SER A 377 -6.16 15.59 -1.18
C SER A 377 -6.49 14.12 -1.30
N LEU A 378 -6.72 13.47 -0.16
CA LEU A 378 -7.17 12.07 -0.17
C LEU A 378 -8.53 11.91 -0.88
N HIS A 379 -9.45 12.84 -0.62
CA HIS A 379 -10.78 12.79 -1.25
C HIS A 379 -10.68 12.80 -2.76
N ALA A 380 -9.85 13.69 -3.30
CA ALA A 380 -9.64 13.75 -4.75
C ALA A 380 -9.21 12.40 -5.32
N SER A 381 -8.30 11.72 -4.62
CA SER A 381 -7.84 10.39 -5.02
C SER A 381 -8.93 9.32 -4.93
N LEU A 382 -9.67 9.31 -3.83
CA LEU A 382 -10.66 8.26 -3.60
C LEU A 382 -11.86 8.34 -4.57
N GLU A 383 -12.18 9.53 -5.06
CA GLU A 383 -13.20 9.66 -6.11
C GLU A 383 -12.76 8.94 -7.38
N ILE A 384 -11.45 8.99 -7.68
CA ILE A 384 -10.88 8.27 -8.82
C ILE A 384 -10.97 6.75 -8.61
N PHE A 385 -10.54 6.30 -7.43
CA PHE A 385 -10.67 4.87 -7.08
C PHE A 385 -12.12 4.41 -7.16
N LYS A 386 -13.05 5.26 -6.75
CA LYS A 386 -14.48 4.93 -6.81
C LYS A 386 -14.91 4.64 -8.25
N GLN A 387 -14.45 5.46 -9.19
CA GLN A 387 -14.81 5.29 -10.61
C GLN A 387 -14.12 4.07 -11.22
N ALA A 388 -12.86 3.87 -10.85
CA ALA A 388 -12.06 2.77 -11.40
C ALA A 388 -12.46 1.41 -10.84
N THR A 389 -12.68 1.36 -9.53
CA THR A 389 -12.92 0.13 -8.74
C THR A 389 -11.66 -0.70 -8.58
N MET A 390 -11.45 -1.21 -7.36
CA MET A 390 -10.34 -2.10 -7.06
C MET A 390 -10.39 -3.39 -7.89
N LYS A 391 -11.59 -3.88 -8.18
CA LYS A 391 -11.72 -5.10 -8.99
C LYS A 391 -11.05 -4.90 -10.35
N ALA A 392 -11.40 -3.81 -11.04
CA ALA A 392 -10.86 -3.53 -12.37
C ALA A 392 -9.38 -3.16 -12.33
N LEU A 393 -8.97 -2.44 -11.28
CA LEU A 393 -7.56 -2.07 -11.11
C LEU A 393 -6.68 -3.29 -10.86
N ARG A 394 -7.13 -4.20 -10.00
CA ARG A 394 -6.36 -5.42 -9.74
C ARG A 394 -6.24 -6.28 -11.01
N LYS A 395 -7.33 -6.36 -11.79
CA LYS A 395 -7.34 -7.07 -13.06
C LYS A 395 -6.28 -6.52 -14.02
N LYS A 396 -6.23 -5.19 -14.17
CA LYS A 396 -5.22 -4.57 -15.03
C LYS A 396 -3.81 -4.82 -14.49
N SER A 397 -3.63 -4.67 -13.17
CA SER A 397 -2.34 -4.92 -12.51
C SER A 397 -1.76 -6.30 -12.79
N VAL A 398 -2.59 -7.33 -12.66
CA VAL A 398 -2.17 -8.70 -12.89
C VAL A 398 -1.62 -8.84 -14.30
N LEU A 399 -2.36 -8.30 -15.27
CA LEU A 399 -1.91 -8.32 -16.67
C LEU A 399 -0.68 -7.43 -16.93
N LEU A 400 -0.62 -6.28 -16.26
CA LEU A 400 0.45 -5.31 -16.48
C LEU A 400 1.79 -5.77 -15.91
N THR A 401 1.78 -6.14 -14.63
CA THR A 401 2.94 -6.71 -13.96
C THR A 401 3.30 -8.07 -14.55
N GLY A 402 2.29 -8.82 -14.99
CA GLY A 402 2.52 -10.10 -15.68
C GLY A 402 3.21 -9.91 -17.02
N TYR A 403 2.87 -8.82 -17.70
CA TYR A 403 3.49 -8.46 -18.98
C TYR A 403 4.96 -8.04 -18.76
N LEU A 404 5.19 -7.23 -17.73
CA LEU A 404 6.56 -6.84 -17.35
C LEU A 404 7.44 -8.07 -17.07
N GLU A 405 6.94 -8.96 -16.24
CA GLU A 405 7.62 -10.21 -15.90
C GLU A 405 7.89 -11.06 -17.15
N TYR A 406 6.90 -11.16 -18.04
CA TYR A 406 7.04 -11.91 -19.27
C TYR A 406 8.20 -11.39 -20.14
N LEU A 407 8.24 -10.09 -20.35
CA LEU A 407 9.28 -9.46 -21.17
C LEU A 407 10.68 -9.63 -20.55
N ILE A 408 10.78 -9.40 -19.24
CA ILE A 408 12.04 -9.61 -18.53
C ILE A 408 12.54 -11.05 -18.72
N LYS A 409 11.68 -12.03 -18.45
CA LYS A 409 12.04 -13.44 -18.50
C LYS A 409 12.34 -13.94 -19.91
N HIS A 410 11.62 -13.40 -20.89
CA HIS A 410 11.87 -13.74 -22.27
C HIS A 410 13.26 -13.25 -22.70
N ASN A 411 13.56 -12.00 -22.37
CA ASN A 411 14.83 -11.39 -22.76
C ASN A 411 16.03 -11.94 -21.98
N TYR A 412 15.81 -12.21 -20.69
CA TYR A 412 16.88 -12.67 -19.79
C TYR A 412 16.40 -13.77 -18.84
N GLY A 413 16.27 -14.99 -19.37
CA GLY A 413 15.78 -16.13 -18.60
C GLY A 413 16.87 -17.06 -18.12
N LYS A 414 17.90 -16.49 -17.48
CA LYS A 414 18.99 -17.26 -16.90
C LYS A 414 19.03 -17.10 -15.38
N VAL A 423 21.60 -13.65 -15.01
CA VAL A 423 21.82 -12.21 -15.08
C VAL A 423 20.71 -11.42 -14.39
N VAL A 424 19.46 -11.83 -14.61
CA VAL A 424 18.30 -11.12 -14.08
C VAL A 424 17.42 -12.05 -13.24
N ASN A 425 17.23 -11.70 -11.97
CA ASN A 425 16.41 -12.49 -11.05
C ASN A 425 15.24 -11.69 -10.46
N ILE A 426 14.03 -12.19 -10.65
CA ILE A 426 12.86 -11.63 -10.01
C ILE A 426 12.65 -12.33 -8.68
N ILE A 427 12.84 -11.60 -7.59
CA ILE A 427 12.72 -12.12 -6.23
C ILE A 427 11.26 -12.27 -5.83
N THR A 428 10.44 -11.35 -6.30
CA THR A 428 9.01 -11.35 -6.05
C THR A 428 8.41 -12.70 -6.47
N PRO A 429 7.52 -13.27 -5.64
CA PRO A 429 6.89 -14.55 -6.00
C PRO A 429 6.25 -14.53 -7.39
N SER A 430 6.31 -15.66 -8.09
CA SER A 430 5.83 -15.74 -9.46
C SER A 430 4.32 -15.97 -9.55
N HIS A 431 3.74 -16.56 -8.51
CA HIS A 431 2.29 -16.80 -8.50
C HIS A 431 1.58 -15.44 -8.50
N VAL A 432 0.65 -15.29 -9.45
CA VAL A 432 -0.05 -14.00 -9.64
C VAL A 432 -0.75 -13.51 -8.36
N GLU A 433 -1.22 -14.45 -7.54
CA GLU A 433 -1.93 -14.12 -6.32
C GLU A 433 -0.99 -13.80 -5.15
N GLU A 434 0.31 -13.98 -5.35
CA GLU A 434 1.32 -13.79 -4.30
C GLU A 434 2.16 -12.52 -4.46
N ARG A 435 1.69 -11.61 -5.32
CA ARG A 435 2.31 -10.29 -5.45
C ARG A 435 1.29 -9.25 -5.92
N GLY A 436 1.65 -7.98 -5.77
CA GLY A 436 0.85 -6.88 -6.30
C GLY A 436 1.51 -6.28 -7.52
N CYS A 437 1.45 -4.95 -7.63
CA CYS A 437 2.09 -4.20 -8.74
C CYS A 437 3.61 -4.38 -8.80
N GLN A 438 4.23 -4.42 -7.62
CA GLN A 438 5.69 -4.35 -7.49
C GLN A 438 6.42 -5.64 -7.80
N LEU A 439 7.46 -5.52 -8.61
CA LEU A 439 8.49 -6.55 -8.73
C LEU A 439 9.80 -6.04 -8.17
N THR A 440 10.49 -6.90 -7.41
CA THR A 440 11.83 -6.65 -6.96
C THR A 440 12.78 -7.51 -7.80
N ILE A 441 13.79 -6.88 -8.40
CA ILE A 441 14.65 -7.55 -9.38
C ILE A 441 16.11 -7.30 -9.04
N THR A 442 16.93 -8.36 -9.12
CA THR A 442 18.38 -8.23 -8.93
C THR A 442 19.15 -8.54 -10.20
N PHE A 443 20.35 -7.97 -10.34
CA PHE A 443 21.16 -8.15 -11.53
C PHE A 443 22.57 -8.60 -11.19
N SER A 444 23.09 -9.51 -11.99
CA SER A 444 24.50 -9.90 -11.92
C SER A 444 25.26 -9.31 -13.10
N VAL A 445 25.56 -8.01 -13.00
CA VAL A 445 26.38 -7.31 -13.98
C VAL A 445 27.39 -6.42 -13.25
N PRO A 446 28.57 -6.98 -12.92
CA PRO A 446 29.57 -6.34 -12.07
C PRO A 446 30.00 -4.94 -12.51
N ASN A 447 29.91 -4.64 -13.81
CA ASN A 447 30.38 -3.36 -14.35
C ASN A 447 29.28 -2.30 -14.50
N LYS A 448 28.03 -2.69 -14.28
CA LYS A 448 26.91 -1.75 -14.46
C LYS A 448 26.06 -1.56 -13.20
N ASP A 449 25.89 -0.30 -12.82
CA ASP A 449 24.89 0.05 -11.82
C ASP A 449 23.60 0.28 -12.60
N VAL A 450 22.76 -0.75 -12.64
CA VAL A 450 21.53 -0.74 -13.42
C VAL A 450 20.60 0.40 -13.01
N PHE A 451 20.39 0.54 -11.70
CA PHE A 451 19.57 1.64 -11.16
C PHE A 451 20.03 3.01 -11.67
N GLN A 452 21.33 3.29 -11.54
CA GLN A 452 21.88 4.58 -11.97
C GLN A 452 21.64 4.83 -13.44
N GLU A 453 21.82 3.80 -14.25
CA GLU A 453 21.63 3.88 -15.70
C GLU A 453 20.16 4.07 -16.05
N LEU A 454 19.28 3.44 -15.27
CA LEU A 454 17.85 3.60 -15.46
C LEU A 454 17.35 5.00 -15.10
N GLU A 455 17.79 5.53 -13.96
CA GLU A 455 17.33 6.84 -13.49
C GLU A 455 17.84 7.97 -14.39
N LYS A 456 19.03 7.78 -14.96
CA LYS A 456 19.61 8.71 -15.94
C LYS A 456 18.75 8.84 -17.19
N ARG A 457 17.93 7.83 -17.46
CA ARG A 457 17.10 7.78 -18.66
C ARG A 457 15.61 8.02 -18.39
N GLY A 458 15.30 8.47 -17.17
CA GLY A 458 13.96 8.91 -16.85
C GLY A 458 13.05 7.80 -16.36
N VAL A 459 13.64 6.69 -15.92
CA VAL A 459 12.90 5.64 -15.22
C VAL A 459 12.97 5.95 -13.73
N VAL A 460 11.80 6.14 -13.13
CA VAL A 460 11.75 6.41 -11.71
C VAL A 460 11.36 5.13 -11.00
N CYS A 461 12.29 4.62 -10.19
CA CYS A 461 12.06 3.40 -9.44
C CYS A 461 12.88 3.44 -8.15
N ASP A 462 12.87 2.34 -7.41
CA ASP A 462 13.63 2.24 -6.18
C ASP A 462 14.88 1.37 -6.33
N LYS A 463 15.91 1.69 -5.56
CA LYS A 463 17.15 0.93 -5.58
C LYS A 463 17.09 -0.24 -4.60
N ARG A 464 17.60 -1.40 -5.03
CA ARG A 464 17.89 -2.50 -4.11
C ARG A 464 19.38 -2.85 -4.18
N ASN A 465 20.07 -2.66 -3.06
CA ASN A 465 21.50 -3.01 -2.96
C ASN A 465 21.70 -4.53 -2.89
N PRO A 466 22.83 -5.04 -3.42
CA PRO A 466 23.94 -4.34 -4.08
C PRO A 466 23.64 -3.81 -5.49
N ASN A 467 22.89 -4.58 -6.28
CA ASN A 467 22.60 -4.21 -7.67
C ASN A 467 21.22 -4.71 -8.11
N GLY A 468 20.19 -3.94 -7.77
CA GLY A 468 18.81 -4.27 -8.14
C GLY A 468 17.84 -3.09 -8.07
N ILE A 469 16.61 -3.32 -8.52
CA ILE A 469 15.51 -2.33 -8.53
C ILE A 469 14.44 -2.98 -7.62
N ARG A 470 13.51 -2.25 -6.98
CA ARG A 470 12.07 -2.20 -7.30
C ARG A 470 11.35 -1.29 -8.26
N VAL A 471 10.42 -1.92 -8.98
CA VAL A 471 9.56 -1.27 -9.95
C VAL A 471 8.11 -1.68 -9.69
N ALA A 472 7.21 -0.70 -9.69
CA ALA A 472 5.79 -0.97 -9.51
C ALA A 472 4.92 -0.19 -10.49
N PRO A 473 4.68 -0.77 -11.68
CA PRO A 473 3.73 -0.13 -12.59
C PRO A 473 2.34 -0.20 -11.95
N VAL A 474 1.65 0.94 -11.85
CA VAL A 474 0.34 0.90 -11.22
C VAL A 474 -0.75 1.10 -12.29
N PRO A 475 -1.89 0.40 -12.15
CA PRO A 475 -2.93 0.42 -13.19
C PRO A 475 -3.61 1.78 -13.44
N LEU A 476 -3.68 2.66 -12.43
CA LEU A 476 -4.38 3.94 -12.61
C LEU A 476 -3.74 4.80 -13.68
N TYR A 477 -2.41 4.86 -13.69
CA TYR A 477 -1.72 5.79 -14.57
C TYR A 477 -0.49 5.26 -15.31
N ASN A 478 -0.16 3.99 -15.14
CA ASN A 478 0.88 3.40 -15.98
C ASN A 478 0.26 2.57 -17.09
N SER A 479 0.93 2.52 -18.24
CA SER A 479 0.42 1.87 -19.43
C SER A 479 1.25 0.64 -19.77
N PHE A 480 0.72 -0.20 -20.65
CA PHE A 480 1.49 -1.33 -21.18
C PHE A 480 2.71 -0.83 -21.98
N HIS A 481 2.55 0.30 -22.66
CA HIS A 481 3.66 0.91 -23.38
C HIS A 481 4.78 1.39 -22.44
N ASP A 482 4.43 1.87 -21.24
CA ASP A 482 5.43 2.19 -20.21
C ASP A 482 6.33 0.97 -19.96
N VAL A 483 5.68 -0.18 -19.78
CA VAL A 483 6.37 -1.42 -19.49
C VAL A 483 7.27 -1.84 -20.65
N TYR A 484 6.74 -1.75 -21.87
CA TYR A 484 7.53 -2.05 -23.07
C TYR A 484 8.79 -1.18 -23.14
N LYS A 485 8.62 0.13 -22.97
CA LYS A 485 9.73 1.09 -23.04
C LYS A 485 10.78 0.81 -21.98
N PHE A 486 10.33 0.52 -20.76
CA PHE A 486 11.23 0.19 -19.65
C PHE A 486 12.10 -1.02 -19.98
N THR A 487 11.48 -2.09 -20.50
CA THR A 487 12.22 -3.32 -20.79
C THR A 487 13.26 -3.12 -21.88
N ASN A 488 12.91 -2.32 -22.90
CA ASN A 488 13.87 -1.91 -23.93
C ASN A 488 15.08 -1.17 -23.38
N LEU A 489 14.86 -0.18 -22.52
CA LEU A 489 15.94 0.54 -21.85
C LEU A 489 16.79 -0.42 -21.01
N LEU A 490 16.13 -1.32 -20.30
CA LEU A 490 16.83 -2.29 -19.47
C LEU A 490 17.74 -3.22 -20.30
N THR A 491 17.16 -3.79 -21.35
CA THR A 491 17.90 -4.66 -22.29
C THR A 491 19.12 -3.94 -22.84
N SER A 492 18.91 -2.69 -23.26
CA SER A 492 19.97 -1.86 -23.82
C SER A 492 21.07 -1.59 -22.79
N ILE A 493 20.68 -1.45 -21.53
CA ILE A 493 21.64 -1.26 -20.44
C ILE A 493 22.44 -2.54 -20.19
N LEU A 494 21.73 -3.67 -20.14
CA LEU A 494 22.35 -4.96 -19.84
C LEU A 494 23.29 -5.45 -20.95
N ASP A 495 22.92 -5.19 -22.21
CA ASP A 495 23.78 -5.48 -23.35
C ASP A 495 25.04 -4.62 -23.32
N SER A 496 24.97 -3.52 -22.58
CA SER A 496 26.03 -2.51 -22.43
C SER A 496 25.96 -1.46 -23.54
N1 PLP B . 5.35 1.10 7.50
C2 PLP B . 5.37 0.47 6.31
C2A PLP B . 5.15 -1.03 6.24
C3 PLP B . 5.63 1.23 5.07
O3 PLP B . 5.66 0.63 3.85
C4 PLP B . 5.84 2.69 5.23
C4A PLP B . 6.12 3.59 4.09
C5 PLP B . 5.78 3.27 6.59
C6 PLP B . 5.54 2.42 7.66
C5A PLP B . 6.00 4.75 6.76
O4P PLP B . 5.46 5.14 8.01
P PLP B . 4.81 6.58 8.24
O1P PLP B . 4.20 6.41 9.62
O2P PLP B . 5.97 7.56 8.15
O3P PLP B . 3.81 6.76 7.11
#